data_1TU7
#
_entry.id   1TU7
#
_cell.length_a   51.645
_cell.length_b   82.330
_cell.length_c   56.662
_cell.angle_alpha   90.00
_cell.angle_beta   95.89
_cell.angle_gamma   90.00
#
_symmetry.space_group_name_H-M   'P 1 21 1'
#
loop_
_entity.id
_entity.type
_entity.pdbx_description
1 polymer 'Glutathione S-transferase 2'
2 non-polymer GLUTATHIONE
3 non-polymer GLYCEROL
4 water water
#
_entity_poly.entity_id   1
_entity_poly.type   'polypeptide(L)'
_entity_poly.pdbx_seq_one_letter_code
;MSYKLTYFSIRGLAEPIRLFLVDQDIKFIDDRIAKDDFSSIKSQFQFGQLPCLYDGDQQIVQSGAILRHLARKYNLNGEN
EMETTYIDMFCEGVRDLHVKYTRMIYMAYETEKDPYIKSILPGELAKFEKLLATRGNGRNLILGDKISYADYALFEELDV
HQILDPHCLDKFPLLKVFHQRMKDRPKLKEYCEKRDAAKVPVNGNGKQ
;
_entity_poly.pdbx_strand_id   A,B
#
loop_
_chem_comp.id
_chem_comp.type
_chem_comp.name
_chem_comp.formula
GOL non-polymer GLYCEROL 'C3 H8 O3'
GSH non-polymer GLUTATHIONE 'C10 H17 N3 O6 S'
#
# COMPACT_ATOMS: atom_id res chain seq x y z
N MET A 1 25.15 14.02 -5.92
CA MET A 1 24.44 12.88 -6.55
C MET A 1 22.99 13.21 -6.85
N SER A 2 22.46 12.55 -7.88
CA SER A 2 21.11 12.89 -8.33
C SER A 2 19.97 12.17 -7.62
N TYR A 3 20.28 11.06 -6.95
CA TYR A 3 19.32 10.36 -6.13
C TYR A 3 19.59 10.67 -4.67
N LYS A 4 18.55 11.06 -3.95
CA LYS A 4 18.63 11.31 -2.52
C LYS A 4 17.42 10.68 -1.88
N LEU A 5 17.63 9.88 -0.84
CA LEU A 5 16.55 9.29 -0.08
C LEU A 5 16.57 9.86 1.30
N THR A 6 15.48 10.50 1.68
CA THR A 6 15.33 11.16 2.97
C THR A 6 14.42 10.32 3.84
N TYR A 7 14.92 9.91 5.00
CA TYR A 7 14.15 9.17 5.98
C TYR A 7 14.80 9.35 7.33
N PHE A 8 14.18 8.82 8.36
CA PHE A 8 14.80 8.81 9.68
C PHE A 8 16.00 7.86 9.71
N SER A 9 16.77 7.95 10.78
CA SER A 9 17.97 7.16 10.91
C SER A 9 17.69 5.81 11.53
N ILE A 10 16.77 5.10 10.90
CA ILE A 10 16.35 3.76 11.28
C ILE A 10 16.08 3.04 9.96
N ARG A 11 15.88 1.74 10.05
CA ARG A 11 15.53 0.96 8.88
C ARG A 11 14.12 1.29 8.43
N GLY A 12 13.14 0.94 9.25
CA GLY A 12 11.77 1.32 8.99
C GLY A 12 11.31 1.11 7.57
N LEU A 13 10.56 2.07 7.05
CA LEU A 13 9.97 1.98 5.72
C LEU A 13 10.93 2.22 4.61
N ALA A 14 12.07 2.85 4.91
CA ALA A 14 13.06 3.18 3.90
C ALA A 14 13.88 2.01 3.52
N GLU A 15 14.04 1.02 4.40
CA GLU A 15 15.09 0.05 4.20
C GLU A 15 14.92 -0.74 2.91
N PRO A 16 13.73 -1.16 2.50
CA PRO A 16 13.64 -1.88 1.22
C PRO A 16 14.11 -1.05 0.06
N ILE A 17 13.90 0.26 0.12
CA ILE A 17 14.39 1.17 -0.92
C ILE A 17 15.91 1.26 -0.89
N ARG A 18 16.48 1.44 0.29
CA ARG A 18 17.93 1.43 0.42
C ARG A 18 18.51 0.14 -0.13
N LEU A 19 17.88 -0.99 0.18
CA LEU A 19 18.39 -2.28 -0.27
C LEU A 19 18.36 -2.35 -1.79
N PHE A 20 17.26 -1.91 -2.42
CA PHE A 20 17.16 -1.84 -3.87
C PHE A 20 18.35 -1.07 -4.47
N LEU A 21 18.59 0.13 -3.95
CA LEU A 21 19.60 1.03 -4.49
C LEU A 21 20.98 0.42 -4.28
N VAL A 22 21.21 -0.12 -3.10
CA VAL A 22 22.52 -0.72 -2.79
C VAL A 22 22.76 -1.93 -3.69
N ASP A 23 21.78 -2.81 -3.82
CA ASP A 23 21.97 -4.04 -4.60
C ASP A 23 22.14 -3.76 -6.07
N GLN A 24 21.41 -2.77 -6.58
CA GLN A 24 21.48 -2.37 -7.98
C GLN A 24 22.66 -1.44 -8.26
N ASP A 25 23.42 -1.09 -7.22
CA ASP A 25 24.56 -0.19 -7.30
C ASP A 25 24.20 1.16 -7.88
N ILE A 26 23.05 1.67 -7.47
CA ILE A 26 22.60 3.03 -7.78
C ILE A 26 23.07 3.89 -6.65
N LYS A 27 24.06 4.73 -6.92
CA LYS A 27 24.61 5.58 -5.89
C LYS A 27 23.62 6.65 -5.52
N PHE A 28 23.46 6.85 -4.21
CA PHE A 28 22.51 7.79 -3.66
C PHE A 28 23.00 8.44 -2.37
N ILE A 29 22.44 9.62 -2.08
CA ILE A 29 22.61 10.27 -0.78
C ILE A 29 21.61 9.64 0.17
N ASP A 30 22.13 8.95 1.18
CA ASP A 30 21.31 8.40 2.27
C ASP A 30 21.14 9.46 3.32
N ASP A 31 20.08 10.25 3.17
CA ASP A 31 19.84 11.43 3.98
C ASP A 31 19.02 11.05 5.20
N ARG A 32 19.72 10.78 6.29
CA ARG A 32 19.12 10.26 7.51
C ARG A 32 18.94 11.40 8.48
N ILE A 33 17.70 11.73 8.78
CA ILE A 33 17.42 12.89 9.63
C ILE A 33 16.98 12.50 11.04
N ALA A 34 17.41 13.31 11.99
CA ALA A 34 17.05 13.13 13.40
C ALA A 34 15.59 13.51 13.63
N LYS A 35 14.98 12.80 14.56
CA LYS A 35 13.58 13.02 14.93
C LYS A 35 13.28 14.49 15.13
N ASP A 36 14.14 15.19 15.86
CA ASP A 36 13.85 16.56 16.25
C ASP A 36 13.97 17.57 15.11
N ASP A 37 14.63 17.18 14.02
CA ASP A 37 14.79 18.08 12.87
C ASP A 37 13.69 17.96 11.82
N PHE A 38 12.78 17.00 11.98
CA PHE A 38 11.76 16.79 10.98
C PHE A 38 10.71 17.89 10.94
N SER A 39 10.26 18.34 12.11
CA SER A 39 9.22 19.38 12.19
C SER A 39 9.51 20.57 11.28
N SER A 40 10.76 21.02 11.23
CA SER A 40 11.11 22.22 10.44
C SER A 40 10.97 22.03 8.94
N ILE A 41 11.01 20.77 8.48
CA ILE A 41 10.99 20.47 7.05
C ILE A 41 9.72 19.73 6.61
N LYS A 42 8.87 19.35 7.57
CA LYS A 42 7.72 18.46 7.31
C LYS A 42 6.81 18.94 6.18
N SER A 43 6.58 20.24 6.09
CA SER A 43 5.68 20.79 5.08
C SER A 43 6.21 20.66 3.65
N GLN A 44 7.50 20.37 3.51
CA GLN A 44 8.10 20.16 2.20
C GLN A 44 7.68 18.85 1.53
N PHE A 45 7.08 17.95 2.29
CA PHE A 45 6.70 16.61 1.82
C PHE A 45 5.21 16.57 1.62
N GLN A 46 4.78 15.94 0.54
CA GLN A 46 3.40 16.02 0.09
C GLN A 46 2.36 15.51 1.09
N PHE A 47 2.70 14.53 1.92
CA PHE A 47 1.86 14.08 3.02
C PHE A 47 2.45 14.35 4.39
N GLY A 48 3.47 15.19 4.45
CA GLY A 48 4.12 15.52 5.71
C GLY A 48 4.90 14.39 6.33
N GLN A 49 5.28 13.41 5.50
CA GLN A 49 5.91 12.18 5.98
C GLN A 49 7.06 11.73 5.06
N LEU A 50 7.86 10.83 5.59
CA LEU A 50 8.99 10.21 4.92
C LEU A 50 8.70 8.71 4.80
N PRO A 51 9.34 7.97 3.89
CA PRO A 51 10.47 8.40 3.07
C PRO A 51 10.13 9.25 1.89
N CYS A 52 11.12 9.98 1.43
CA CYS A 52 11.07 10.72 0.16
C CYS A 52 12.25 10.42 -0.69
N LEU A 53 12.03 10.09 -1.96
CA LEU A 53 13.10 9.99 -2.93
C LEU A 53 13.08 11.21 -3.83
N TYR A 54 14.22 11.90 -3.87
CA TYR A 54 14.49 12.87 -4.91
C TYR A 54 15.24 12.16 -6.03
N ASP A 55 14.61 12.14 -7.19
CA ASP A 55 15.19 11.56 -8.38
C ASP A 55 15.36 12.68 -9.37
N GLY A 56 16.57 13.24 -9.43
CA GLY A 56 16.77 14.48 -10.14
C GLY A 56 15.85 15.55 -9.56
N ASP A 57 15.04 16.16 -10.42
CA ASP A 57 14.08 17.22 -10.01
C ASP A 57 12.70 16.69 -9.58
N GLN A 58 12.55 15.37 -9.45
CA GLN A 58 11.29 14.77 -9.07
C GLN A 58 11.34 14.41 -7.60
N GLN A 59 10.35 14.87 -6.84
CA GLN A 59 10.21 14.59 -5.45
C GLN A 59 9.06 13.60 -5.27
N ILE A 60 9.42 12.38 -4.83
CA ILE A 60 8.48 11.28 -4.71
C ILE A 60 8.40 10.80 -3.27
N VAL A 61 7.25 10.97 -2.64
CA VAL A 61 6.98 10.33 -1.37
C VAL A 61 6.12 9.07 -1.60
N GLN A 62 5.86 8.34 -0.51
CA GLN A 62 5.15 7.06 -0.47
C GLN A 62 6.08 5.94 -0.86
N SER A 63 6.46 5.14 0.13
CA SER A 63 7.43 4.10 -0.05
C SER A 63 7.08 3.17 -1.20
N GLY A 64 5.81 2.78 -1.35
CA GLY A 64 5.47 1.90 -2.44
C GLY A 64 5.58 2.53 -3.80
N ALA A 65 5.25 3.82 -3.89
CA ALA A 65 5.38 4.55 -5.16
C ALA A 65 6.84 4.74 -5.52
N ILE A 66 7.68 4.97 -4.51
CA ILE A 66 9.11 5.10 -4.72
C ILE A 66 9.67 3.80 -5.28
N LEU A 67 9.33 2.71 -4.62
CA LEU A 67 9.81 1.40 -5.07
C LEU A 67 9.38 1.07 -6.49
N ARG A 68 8.11 1.30 -6.82
CA ARG A 68 7.64 0.99 -8.18
C ARG A 68 8.25 1.90 -9.22
N HIS A 69 8.51 3.16 -8.88
CA HIS A 69 9.17 4.05 -9.81
C HIS A 69 10.59 3.56 -10.10
N LEU A 70 11.34 3.23 -9.05
CA LEU A 70 12.67 2.71 -9.25
C LEU A 70 12.64 1.40 -10.04
N ALA A 71 11.66 0.55 -9.73
CA ALA A 71 11.50 -0.71 -10.43
C ALA A 71 11.29 -0.51 -11.92
N ARG A 72 10.44 0.42 -12.33
CA ARG A 72 10.24 0.68 -13.76
C ARG A 72 11.53 1.20 -14.41
N LYS A 73 12.20 2.13 -13.75
CA LYS A 73 13.39 2.74 -14.30
C LYS A 73 14.50 1.70 -14.51
N TYR A 74 14.60 0.75 -13.59
CA TYR A 74 15.69 -0.22 -13.61
C TYR A 74 15.27 -1.63 -14.01
N ASN A 75 14.07 -1.77 -14.58
CA ASN A 75 13.61 -3.05 -15.09
C ASN A 75 13.48 -4.15 -14.06
N LEU A 76 13.07 -3.75 -12.85
CA LEU A 76 12.82 -4.66 -11.73
C LEU A 76 11.32 -4.74 -11.40
N ASN A 77 10.48 -4.54 -12.40
CA ASN A 77 9.01 -4.52 -12.28
C ASN A 77 8.37 -5.69 -13.04
N GLY A 78 9.09 -6.76 -13.28
CA GLY A 78 8.59 -7.90 -14.06
C GLY A 78 8.70 -7.68 -15.54
N GLU A 79 8.53 -8.78 -16.27
CA GLU A 79 8.69 -8.74 -17.72
C GLU A 79 7.39 -8.68 -18.48
N ASN A 80 6.29 -8.95 -17.81
CA ASN A 80 4.97 -8.86 -18.42
C ASN A 80 3.94 -8.48 -17.39
N GLU A 81 2.72 -8.25 -17.82
CA GLU A 81 1.66 -7.75 -16.92
C GLU A 81 1.45 -8.67 -15.73
N MET A 82 1.41 -9.97 -15.98
CA MET A 82 1.16 -10.91 -14.91
C MET A 82 2.26 -10.87 -13.87
N GLU A 83 3.50 -10.73 -14.30
CA GLU A 83 4.60 -10.67 -13.35
C GLU A 83 4.52 -9.35 -12.56
N THR A 84 4.25 -8.25 -13.24
CA THR A 84 4.12 -6.95 -12.60
C THR A 84 3.05 -6.99 -11.49
N THR A 85 1.91 -7.60 -11.81
CA THR A 85 0.85 -7.74 -10.85
C THR A 85 1.25 -8.64 -9.70
N TYR A 86 1.91 -9.76 -10.02
CA TYR A 86 2.32 -10.72 -9.01
C TYR A 86 3.25 -10.14 -7.97
N ILE A 87 4.30 -9.45 -8.42
CA ILE A 87 5.23 -8.88 -7.48
C ILE A 87 4.61 -7.80 -6.63
N ASP A 88 3.67 -7.05 -7.19
CA ASP A 88 2.94 -6.03 -6.44
C ASP A 88 2.11 -6.68 -5.37
N MET A 89 1.33 -7.68 -5.79
CA MET A 89 0.51 -8.43 -4.85
C MET A 89 1.38 -8.98 -3.71
N PHE A 90 2.51 -9.58 -4.05
CA PHE A 90 3.42 -10.15 -3.07
C PHE A 90 3.93 -9.07 -2.11
N CYS A 91 4.39 -7.97 -2.67
CA CYS A 91 4.93 -6.86 -1.90
C CYS A 91 3.86 -6.29 -0.97
N GLU A 92 2.64 -6.20 -1.44
CA GLU A 92 1.53 -5.75 -0.59
C GLU A 92 1.31 -6.70 0.58
N GLY A 93 1.42 -8.00 0.34
CA GLY A 93 1.36 -8.94 1.45
C GLY A 93 2.46 -8.70 2.45
N VAL A 94 3.67 -8.39 1.97
CA VAL A 94 4.77 -8.10 2.88
C VAL A 94 4.45 -6.88 3.71
N ARG A 95 3.89 -5.86 3.07
CA ARG A 95 3.52 -4.64 3.79
C ARG A 95 2.47 -4.91 4.85
N ASP A 96 1.55 -5.82 4.58
CA ASP A 96 0.56 -6.18 5.60
C ASP A 96 1.23 -6.81 6.83
N LEU A 97 2.21 -7.70 6.61
CA LEU A 97 2.93 -8.27 7.74
C LEU A 97 3.64 -7.15 8.47
N HIS A 98 4.22 -6.19 7.75
CA HIS A 98 4.93 -5.12 8.38
C HIS A 98 4.01 -4.26 9.25
N VAL A 99 2.77 -4.11 8.84
CA VAL A 99 1.79 -3.37 9.66
C VAL A 99 1.57 -4.11 10.97
N LYS A 100 1.45 -5.41 10.93
CA LYS A 100 1.26 -6.19 12.16
C LYS A 100 2.48 -6.09 13.06
N TYR A 101 3.64 -6.27 12.46
CA TYR A 101 4.90 -6.15 13.18
C TYR A 101 5.03 -4.78 13.83
N THR A 102 4.79 -3.72 13.09
CA THR A 102 4.97 -2.37 13.65
C THR A 102 3.93 -2.03 14.72
N ARG A 103 2.71 -2.55 14.63
CA ARG A 103 1.71 -2.29 15.66
C ARG A 103 2.22 -2.90 16.97
N MET A 104 2.75 -4.11 16.88
CA MET A 104 3.30 -4.79 18.06
C MET A 104 4.47 -3.97 18.61
N ILE A 105 5.41 -3.59 17.74
CA ILE A 105 6.61 -2.89 18.16
C ILE A 105 6.28 -1.58 18.87
N TYR A 106 5.36 -0.80 18.31
CA TYR A 106 5.16 0.59 18.77
C TYR A 106 4.07 0.68 19.83
N MET A 107 3.14 -0.28 19.86
CA MET A 107 1.96 -0.17 20.74
C MET A 107 1.94 -1.16 21.87
N ALA A 108 2.62 -2.31 21.73
CA ALA A 108 2.43 -3.41 22.68
C ALA A 108 3.62 -4.33 22.79
N TYR A 109 4.82 -3.76 22.72
CA TYR A 109 6.00 -4.60 22.68
C TYR A 109 6.20 -5.41 23.94
N GLU A 110 5.88 -4.80 25.07
CA GLU A 110 6.16 -5.42 26.36
C GLU A 110 5.19 -6.54 26.70
N THR A 111 4.01 -6.56 26.10
CA THR A 111 3.06 -7.62 26.43
C THR A 111 2.66 -8.50 25.26
N GLU A 112 2.96 -8.10 24.03
CA GLU A 112 2.46 -8.86 22.90
C GLU A 112 3.52 -9.37 21.97
N LYS A 113 4.78 -9.11 22.29
CA LYS A 113 5.85 -9.68 21.52
C LYS A 113 5.78 -11.20 21.51
N ASP A 114 5.63 -11.81 22.68
CA ASP A 114 5.71 -13.24 22.73
C ASP A 114 4.51 -13.96 22.08
N PRO A 115 3.29 -13.46 22.30
CA PRO A 115 2.11 -13.94 21.57
C PRO A 115 2.23 -13.73 20.07
N TYR A 116 2.82 -12.62 19.65
CA TYR A 116 3.00 -12.40 18.23
C TYR A 116 3.91 -13.47 17.63
N ILE A 117 5.05 -13.66 18.26
CA ILE A 117 6.02 -14.68 17.85
C ILE A 117 5.41 -16.08 17.81
N LYS A 118 4.65 -16.42 18.85
CA LYS A 118 4.11 -17.77 18.99
C LYS A 118 2.86 -18.05 18.15
N SER A 119 1.94 -17.09 18.09
CA SER A 119 0.59 -17.31 17.59
C SER A 119 0.17 -16.58 16.34
N ILE A 120 0.84 -15.47 16.01
CA ILE A 120 0.52 -14.71 14.81
C ILE A 120 1.53 -14.97 13.70
N LEU A 121 2.79 -14.78 14.03
CA LEU A 121 3.84 -14.82 13.03
C LEU A 121 3.90 -16.13 12.23
N PRO A 122 3.83 -17.30 12.85
CA PRO A 122 4.00 -18.51 12.04
C PRO A 122 2.98 -18.62 10.90
N GLY A 123 1.70 -18.36 11.16
CA GLY A 123 0.68 -18.42 10.12
C GLY A 123 0.89 -17.38 9.05
N GLU A 124 1.43 -16.24 9.43
CA GLU A 124 1.70 -15.22 8.43
C GLU A 124 2.86 -15.63 7.54
N LEU A 125 3.92 -16.17 8.12
CA LEU A 125 5.04 -16.65 7.31
C LEU A 125 4.63 -17.79 6.42
N ALA A 126 3.75 -18.65 6.91
CA ALA A 126 3.28 -19.77 6.12
C ALA A 126 2.67 -19.32 4.81
N LYS A 127 1.98 -18.18 4.83
CA LYS A 127 1.36 -17.67 3.61
C LYS A 127 2.44 -17.35 2.59
N PHE A 128 3.54 -16.75 3.05
CA PHE A 128 4.67 -16.45 2.16
C PHE A 128 5.43 -17.68 1.66
N GLU A 129 5.62 -18.66 2.54
CA GLU A 129 6.31 -19.88 2.17
C GLU A 129 5.53 -20.55 1.03
N LYS A 130 4.21 -20.56 1.14
CA LYS A 130 3.33 -21.14 0.14
C LYS A 130 3.36 -20.33 -1.17
N LEU A 131 3.29 -19.02 -1.07
CA LEU A 131 3.19 -18.18 -2.27
C LEU A 131 4.51 -18.16 -3.01
N LEU A 132 5.62 -18.11 -2.27
CA LEU A 132 6.92 -18.05 -2.90
C LEU A 132 7.14 -19.24 -3.86
N ALA A 133 6.57 -20.40 -3.51
CA ALA A 133 6.71 -21.62 -4.30
C ALA A 133 6.19 -21.50 -5.72
N THR A 134 5.34 -20.50 -5.98
CA THR A 134 4.62 -20.50 -7.25
C THR A 134 5.48 -20.21 -8.47
N ARG A 135 6.66 -19.63 -8.27
CA ARG A 135 7.58 -19.37 -9.36
C ARG A 135 8.93 -19.93 -9.01
N GLY A 136 9.55 -20.66 -9.93
CA GLY A 136 10.87 -21.21 -9.69
C GLY A 136 10.91 -22.19 -8.56
N ASN A 137 9.77 -22.78 -8.26
CA ASN A 137 9.60 -23.67 -7.12
C ASN A 137 9.89 -23.00 -5.80
N GLY A 138 9.92 -21.67 -5.82
CA GLY A 138 10.32 -20.91 -4.66
C GLY A 138 11.77 -21.05 -4.24
N ARG A 139 12.61 -21.55 -5.12
CA ARG A 139 13.98 -21.91 -4.79
C ARG A 139 15.00 -20.85 -5.20
N ASN A 140 14.52 -19.76 -5.77
CA ASN A 140 15.38 -18.66 -6.15
C ASN A 140 14.78 -17.34 -5.66
N LEU A 141 14.32 -16.50 -6.55
CA LEU A 141 13.73 -15.22 -6.16
C LEU A 141 12.23 -15.22 -6.41
N ILE A 142 11.54 -14.11 -6.12
CA ILE A 142 10.09 -14.12 -6.22
C ILE A 142 9.62 -14.43 -7.64
N LEU A 143 10.30 -13.92 -8.66
CA LEU A 143 9.91 -14.22 -10.04
C LEU A 143 10.64 -15.41 -10.63
N GLY A 144 11.48 -16.06 -9.83
CA GLY A 144 12.36 -17.11 -10.32
C GLY A 144 13.80 -16.63 -10.42
N ASP A 145 14.33 -16.49 -11.64
CA ASP A 145 15.73 -16.15 -11.81
C ASP A 145 16.06 -14.65 -11.80
N LYS A 146 15.05 -13.81 -11.88
CA LYS A 146 15.26 -12.39 -12.08
C LYS A 146 14.73 -11.64 -10.88
N ILE A 147 15.55 -10.73 -10.40
CA ILE A 147 15.23 -9.95 -9.23
C ILE A 147 14.18 -8.91 -9.54
N SER A 148 13.37 -8.61 -8.53
CA SER A 148 12.35 -7.58 -8.63
C SER A 148 12.32 -6.78 -7.35
N TYR A 149 11.57 -5.69 -7.33
CA TYR A 149 11.57 -4.86 -6.14
C TYR A 149 11.03 -5.61 -4.93
N ALA A 150 10.10 -6.55 -5.16
CA ALA A 150 9.48 -7.24 -4.07
C ALA A 150 10.48 -8.10 -3.30
N ASP A 151 11.53 -8.57 -3.96
CA ASP A 151 12.57 -9.33 -3.27
C ASP A 151 13.19 -8.55 -2.12
N TYR A 152 13.43 -7.27 -2.31
CA TYR A 152 14.05 -6.47 -1.24
C TYR A 152 13.12 -6.29 -0.07
N ALA A 153 11.83 -6.09 -0.35
CA ALA A 153 10.85 -5.96 0.71
C ALA A 153 10.72 -7.24 1.49
N LEU A 154 10.65 -8.37 0.79
CA LEU A 154 10.57 -9.65 1.50
C LEU A 154 11.83 -9.89 2.33
N PHE A 155 12.99 -9.66 1.72
CA PHE A 155 14.25 -9.82 2.42
C PHE A 155 14.25 -9.04 3.73
N GLU A 156 13.91 -7.76 3.67
CA GLU A 156 13.92 -6.96 4.87
C GLU A 156 12.92 -7.47 5.90
N GLU A 157 11.75 -7.85 5.47
CA GLU A 157 10.72 -8.32 6.41
C GLU A 157 11.17 -9.58 7.10
N LEU A 158 11.78 -10.51 6.36
CA LEU A 158 12.32 -11.72 6.96
C LEU A 158 13.46 -11.39 7.92
N ASP A 159 14.31 -10.43 7.56
CA ASP A 159 15.46 -10.09 8.36
C ASP A 159 15.02 -9.50 9.69
N VAL A 160 14.09 -8.56 9.65
CA VAL A 160 13.64 -7.96 10.92
C VAL A 160 12.92 -8.97 11.78
N HIS A 161 12.21 -9.90 11.17
CA HIS A 161 11.55 -10.92 12.01
C HIS A 161 12.55 -11.91 12.60
N GLN A 162 13.68 -12.16 11.96
CA GLN A 162 14.72 -13.01 12.55
C GLN A 162 15.42 -12.29 13.66
N ILE A 163 15.51 -10.98 13.61
CA ILE A 163 16.02 -10.23 14.73
C ILE A 163 15.04 -10.41 15.92
N LEU A 164 13.74 -10.33 15.64
CA LEU A 164 12.71 -10.44 16.66
C LEU A 164 12.70 -11.84 17.29
N ASP A 165 12.78 -12.84 16.43
CA ASP A 165 12.70 -14.25 16.80
C ASP A 165 13.71 -14.98 15.92
N PRO A 166 14.93 -15.19 16.41
CA PRO A 166 15.95 -15.87 15.62
C PRO A 166 15.53 -17.21 15.01
N HIS A 167 14.53 -17.89 15.57
CA HIS A 167 14.12 -19.19 15.08
C HIS A 167 12.92 -19.17 14.16
N CYS A 168 12.43 -17.99 13.79
CA CYS A 168 11.11 -17.91 13.13
C CYS A 168 11.04 -18.60 11.76
N LEU A 169 12.17 -18.76 11.08
CA LEU A 169 12.21 -19.39 9.77
C LEU A 169 12.61 -20.85 9.80
N ASP A 170 12.73 -21.42 11.01
CA ASP A 170 13.13 -22.82 11.18
C ASP A 170 12.22 -23.73 10.37
N LYS A 171 10.91 -23.49 10.42
CA LYS A 171 9.92 -24.34 9.78
C LYS A 171 9.55 -23.91 8.35
N PHE A 172 10.26 -22.91 7.82
CA PHE A 172 9.95 -22.35 6.51
C PHE A 172 11.19 -22.35 5.64
N PRO A 173 11.51 -23.48 5.05
CA PRO A 173 12.80 -23.63 4.37
C PRO A 173 12.96 -22.76 3.12
N LEU A 174 11.91 -22.56 2.36
CA LEU A 174 12.03 -21.68 1.18
C LEU A 174 12.32 -20.24 1.63
N LEU A 175 11.67 -19.78 2.67
CA LEU A 175 11.93 -18.44 3.19
C LEU A 175 13.31 -18.31 3.77
N LYS A 176 13.73 -19.31 4.54
CA LYS A 176 15.04 -19.29 5.18
C LYS A 176 16.14 -19.23 4.10
N VAL A 177 16.00 -20.06 3.05
CA VAL A 177 16.99 -20.10 1.98
C VAL A 177 16.97 -18.80 1.16
N PHE A 178 15.76 -18.28 0.94
CA PHE A 178 15.63 -17.00 0.23
C PHE A 178 16.33 -15.86 1.00
N HIS A 179 16.08 -15.78 2.29
CA HIS A 179 16.68 -14.74 3.10
C HIS A 179 18.20 -14.84 3.01
N GLN A 180 18.75 -16.05 3.07
CA GLN A 180 20.19 -16.19 3.02
C GLN A 180 20.70 -15.89 1.62
N ARG A 181 19.93 -16.26 0.61
CA ARG A 181 20.33 -15.99 -0.78
C ARG A 181 20.46 -14.50 -1.03
N MET A 182 19.50 -13.73 -0.52
CA MET A 182 19.55 -12.29 -0.65
C MET A 182 20.73 -11.68 0.07
N LYS A 183 20.97 -12.16 1.28
CA LYS A 183 22.04 -11.64 2.12
C LYS A 183 23.38 -11.96 1.50
N ASP A 184 23.44 -13.01 0.68
CA ASP A 184 24.69 -13.44 0.06
C ASP A 184 24.98 -12.69 -1.23
N ARG A 185 24.03 -11.92 -1.76
CA ARG A 185 24.32 -11.10 -2.91
C ARG A 185 25.44 -10.15 -2.52
N PRO A 186 26.50 -10.03 -3.31
CA PRO A 186 27.70 -9.35 -2.80
C PRO A 186 27.51 -7.93 -2.26
N LYS A 187 26.72 -7.10 -2.94
CA LYS A 187 26.55 -5.73 -2.50
C LYS A 187 25.74 -5.74 -1.18
N LEU A 188 24.80 -6.65 -1.06
CA LEU A 188 24.00 -6.74 0.18
C LEU A 188 24.77 -7.34 1.31
N LYS A 189 25.66 -8.28 1.03
CA LYS A 189 26.46 -8.88 2.09
C LYS A 189 27.27 -7.80 2.76
N GLU A 190 27.95 -6.99 1.97
CA GLU A 190 28.79 -5.93 2.52
C GLU A 190 27.96 -4.89 3.30
N TYR A 191 26.85 -4.51 2.70
CA TYR A 191 25.99 -3.48 3.30
C TYR A 191 25.43 -3.98 4.64
N CYS A 192 24.99 -5.23 4.66
CA CYS A 192 24.37 -5.79 5.86
C CYS A 192 25.40 -5.96 6.97
N GLU A 193 26.65 -6.27 6.63
CA GLU A 193 27.71 -6.35 7.62
C GLU A 193 27.89 -4.98 8.29
N LYS A 194 27.94 -3.94 7.48
CA LYS A 194 28.13 -2.60 8.01
C LYS A 194 26.93 -2.13 8.80
N ARG A 195 25.73 -2.49 8.34
CA ARG A 195 24.53 -2.13 9.07
C ARG A 195 24.50 -2.81 10.43
N ASP A 196 24.93 -4.06 10.47
CA ASP A 196 24.98 -4.79 11.72
C ASP A 196 26.06 -4.24 12.64
N ALA A 197 27.20 -3.87 12.07
CA ALA A 197 28.30 -3.33 12.88
C ALA A 197 27.85 -2.08 13.62
N ALA A 198 27.07 -1.25 12.93
CA ALA A 198 26.55 0.01 13.45
C ALA A 198 25.31 -0.18 14.30
N LYS A 199 24.79 -1.42 14.37
CA LYS A 199 23.55 -1.73 15.08
C LYS A 199 22.46 -0.71 14.75
N VAL A 200 22.24 -0.51 13.44
CA VAL A 200 21.25 0.46 12.99
C VAL A 200 19.90 0.02 13.54
N PRO A 201 19.16 0.91 14.23
CA PRO A 201 17.88 0.48 14.78
C PRO A 201 16.89 0.10 13.68
N VAL A 202 16.14 -0.97 13.90
CA VAL A 202 15.07 -1.32 12.98
C VAL A 202 13.96 -0.29 13.02
N ASN A 203 13.59 0.11 14.24
CA ASN A 203 12.42 0.95 14.48
C ASN A 203 12.79 2.22 15.23
N GLY A 204 11.89 3.18 15.21
CA GLY A 204 12.11 4.50 15.81
C GLY A 204 12.09 4.56 17.31
N ASN A 205 11.57 3.51 17.94
CA ASN A 205 11.55 3.45 19.40
C ASN A 205 12.66 2.55 19.97
N GLY A 206 13.53 2.05 19.11
CA GLY A 206 14.64 1.23 19.51
C GLY A 206 14.30 -0.18 19.94
N LYS A 207 13.03 -0.58 19.82
CA LYS A 207 12.63 -1.93 20.13
C LYS A 207 12.67 -2.76 18.86
N GLN A 208 13.05 -4.02 18.99
CA GLN A 208 13.16 -4.97 17.86
C GLN A 208 13.36 -6.42 18.31
N MET B 1 -18.93 -14.43 -17.04
CA MET B 1 -18.05 -13.23 -17.17
C MET B 1 -16.63 -13.56 -16.75
N SER B 2 -15.67 -12.85 -17.32
CA SER B 2 -14.27 -13.20 -17.07
C SER B 2 -13.69 -12.45 -15.89
N TYR B 3 -14.48 -11.55 -15.29
CA TYR B 3 -14.07 -10.87 -14.06
C TYR B 3 -15.03 -11.22 -12.95
N LYS B 4 -14.47 -11.56 -11.80
CA LYS B 4 -15.25 -11.71 -10.58
C LYS B 4 -14.47 -11.01 -9.47
N LEU B 5 -15.17 -10.16 -8.73
CA LEU B 5 -14.60 -9.47 -7.61
C LEU B 5 -15.25 -10.01 -6.34
N THR B 6 -14.45 -10.64 -5.51
CA THR B 6 -14.94 -11.25 -4.29
C THR B 6 -14.55 -10.37 -3.11
N TYR B 7 -15.53 -9.98 -2.32
CA TYR B 7 -15.35 -9.15 -1.16
C TYR B 7 -16.55 -9.28 -0.25
N PHE B 8 -16.46 -8.74 0.94
CA PHE B 8 -17.62 -8.62 1.81
C PHE B 8 -18.67 -7.70 1.24
N SER B 9 -19.88 -7.77 1.78
CA SER B 9 -21.00 -7.00 1.28
C SER B 9 -21.08 -5.63 1.94
N ILE B 10 -19.96 -4.88 1.76
CA ILE B 10 -19.76 -3.52 2.28
C ILE B 10 -18.94 -2.84 1.20
N ARG B 11 -18.82 -1.51 1.32
CA ARG B 11 -17.95 -0.77 0.39
C ARG B 11 -16.49 -1.10 0.73
N GLY B 12 -16.03 -0.70 1.90
CA GLY B 12 -14.71 -1.10 2.36
C GLY B 12 -13.61 -0.90 1.35
N LEU B 13 -12.71 -1.87 1.30
CA LEU B 13 -11.56 -1.84 0.42
C LEU B 13 -11.89 -2.08 -1.04
N ALA B 14 -13.01 -2.69 -1.30
CA ALA B 14 -13.36 -3.08 -2.67
C ALA B 14 -13.94 -1.93 -3.48
N GLU B 15 -14.45 -0.90 -2.80
CA GLU B 15 -15.30 0.04 -3.51
C GLU B 15 -14.56 0.81 -4.59
N PRO B 16 -13.34 1.29 -4.38
CA PRO B 16 -12.67 1.94 -5.49
C PRO B 16 -12.55 1.07 -6.73
N ILE B 17 -12.34 -0.23 -6.54
CA ILE B 17 -12.27 -1.17 -7.65
C ILE B 17 -13.64 -1.28 -8.33
N ARG B 18 -14.70 -1.41 -7.54
CA ARG B 18 -16.03 -1.45 -8.13
C ARG B 18 -16.31 -0.18 -8.93
N LEU B 19 -15.96 0.98 -8.39
CA LEU B 19 -16.18 2.23 -9.09
C LEU B 19 -15.43 2.25 -10.43
N PHE B 20 -14.18 1.80 -10.42
CA PHE B 20 -13.36 1.75 -11.62
C PHE B 20 -14.08 0.89 -12.65
N LEU B 21 -14.50 -0.31 -12.24
CA LEU B 21 -15.10 -1.26 -13.20
C LEU B 21 -16.41 -0.68 -13.77
N VAL B 22 -17.24 -0.11 -12.90
CA VAL B 22 -18.51 0.42 -13.33
C VAL B 22 -18.28 1.59 -14.27
N ASP B 23 -17.38 2.50 -13.92
CA ASP B 23 -17.22 3.71 -14.73
C ASP B 23 -16.58 3.41 -16.04
N GLN B 24 -15.77 2.36 -16.09
CA GLN B 24 -15.14 1.94 -17.33
C GLN B 24 -15.98 0.90 -18.11
N ASP B 25 -17.18 0.62 -17.61
CA ASP B 25 -18.09 -0.34 -18.25
C ASP B 25 -17.46 -1.70 -18.46
N ILE B 26 -16.75 -2.16 -17.45
CA ILE B 26 -16.21 -3.48 -17.44
C ILE B 26 -17.17 -4.34 -16.64
N LYS B 27 -17.78 -5.31 -17.30
CA LYS B 27 -18.75 -6.16 -16.62
C LYS B 27 -18.04 -7.16 -15.72
N PHE B 28 -18.59 -7.35 -14.53
CA PHE B 28 -18.00 -8.28 -13.58
C PHE B 28 -19.04 -8.88 -12.67
N ILE B 29 -18.70 -10.02 -12.10
CA ILE B 29 -19.50 -10.64 -11.07
C ILE B 29 -19.09 -9.97 -9.76
N ASP B 30 -20.04 -9.29 -9.12
CA ASP B 30 -19.80 -8.65 -7.84
C ASP B 30 -20.16 -9.70 -6.79
N ASP B 31 -19.17 -10.47 -6.38
CA ASP B 31 -19.35 -11.64 -5.52
C ASP B 31 -19.22 -11.22 -4.07
N ARG B 32 -20.34 -10.90 -3.45
CA ARG B 32 -20.37 -10.37 -2.09
C ARG B 32 -20.62 -11.53 -1.14
N ILE B 33 -19.66 -11.72 -0.23
CA ILE B 33 -19.58 -12.81 0.73
C ILE B 33 -20.13 -12.34 2.07
N ALA B 34 -21.02 -13.14 2.67
CA ALA B 34 -21.47 -12.90 4.03
C ALA B 34 -20.34 -13.26 4.98
N LYS B 35 -20.26 -12.56 6.10
CA LYS B 35 -19.19 -12.74 7.08
C LYS B 35 -19.02 -14.20 7.51
N ASP B 36 -20.13 -14.89 7.77
CA ASP B 36 -20.05 -16.27 8.26
C ASP B 36 -19.61 -17.28 7.22
N ASP B 37 -19.66 -16.91 5.94
CA ASP B 37 -19.30 -17.81 4.85
C ASP B 37 -17.82 -17.73 4.50
N PHE B 38 -17.10 -16.78 5.07
CA PHE B 38 -15.70 -16.58 4.67
C PHE B 38 -14.74 -17.63 5.19
N SER B 39 -14.93 -18.09 6.43
CA SER B 39 -14.01 -19.07 7.02
C SER B 39 -13.89 -20.33 6.16
N SER B 40 -14.97 -20.75 5.51
CA SER B 40 -14.95 -21.96 4.69
C SER B 40 -14.11 -21.82 3.43
N ILE B 41 -13.95 -20.59 2.92
CA ILE B 41 -13.20 -20.33 1.68
C ILE B 41 -11.86 -19.61 1.89
N LYS B 42 -11.55 -19.24 3.13
CA LYS B 42 -10.40 -18.38 3.45
C LYS B 42 -9.05 -18.87 2.91
N SER B 43 -8.80 -20.17 2.97
CA SER B 43 -7.53 -20.72 2.55
C SER B 43 -7.33 -20.64 1.03
N GLN B 44 -8.39 -20.33 0.28
CA GLN B 44 -8.31 -20.19 -1.18
C GLN B 44 -7.64 -18.91 -1.62
N PHE B 45 -7.42 -18.00 -0.68
CA PHE B 45 -6.86 -16.69 -0.98
C PHE B 45 -5.45 -16.61 -0.45
N GLN B 46 -4.56 -15.98 -1.22
CA GLN B 46 -3.15 -16.13 -0.96
C GLN B 46 -2.71 -15.53 0.38
N PHE B 47 -3.40 -14.52 0.90
CA PHE B 47 -3.12 -14.04 2.23
C PHE B 47 -4.31 -14.24 3.16
N GLY B 48 -5.23 -15.10 2.77
CA GLY B 48 -6.38 -15.41 3.61
C GLY B 48 -7.37 -14.29 3.77
N GLN B 49 -7.33 -13.32 2.85
CA GLN B 49 -8.14 -12.14 2.91
C GLN B 49 -8.73 -11.71 1.57
N LEU B 50 -9.68 -10.81 1.68
CA LEU B 50 -10.37 -10.20 0.54
C LEU B 50 -10.07 -8.69 0.52
N PRO B 51 -10.21 -8.01 -0.61
CA PRO B 51 -10.76 -8.49 -1.87
C PRO B 51 -9.86 -9.36 -2.73
N CYS B 52 -10.51 -10.04 -3.66
CA CYS B 52 -9.86 -10.84 -4.66
C CYS B 52 -10.52 -10.58 -6.00
N LEU B 53 -9.72 -10.26 -7.04
CA LEU B 53 -10.20 -10.18 -8.40
C LEU B 53 -9.74 -11.42 -9.17
N TYR B 54 -10.69 -12.19 -9.67
CA TYR B 54 -10.39 -13.23 -10.64
C TYR B 54 -10.51 -12.58 -12.01
N ASP B 55 -9.39 -12.55 -12.72
CA ASP B 55 -9.28 -11.97 -14.06
C ASP B 55 -8.92 -13.12 -14.94
N GLY B 56 -9.93 -13.67 -15.61
CA GLY B 56 -9.75 -14.93 -16.31
C GLY B 56 -9.24 -15.97 -15.35
N ASP B 57 -8.12 -16.57 -15.70
CA ASP B 57 -7.48 -17.61 -14.89
C ASP B 57 -6.55 -17.07 -13.79
N GLN B 58 -6.47 -15.76 -13.65
CA GLN B 58 -5.55 -15.12 -12.70
C GLN B 58 -6.34 -14.79 -11.45
N GLN B 59 -5.77 -15.12 -10.29
CA GLN B 59 -6.40 -14.85 -9.02
C GLN B 59 -5.54 -13.78 -8.34
N ILE B 60 -6.09 -12.59 -8.17
CA ILE B 60 -5.29 -11.43 -7.73
C ILE B 60 -5.89 -10.89 -6.45
N VAL B 61 -5.22 -11.10 -5.33
CA VAL B 61 -5.62 -10.48 -4.08
C VAL B 61 -4.83 -9.17 -3.96
N GLN B 62 -5.11 -8.44 -2.88
CA GLN B 62 -4.52 -7.17 -2.51
C GLN B 62 -5.12 -6.01 -3.29
N SER B 63 -5.96 -5.22 -2.61
CA SER B 63 -6.71 -4.16 -3.24
C SER B 63 -5.87 -3.20 -4.06
N GLY B 64 -4.69 -2.84 -3.56
CA GLY B 64 -3.84 -1.93 -4.28
C GLY B 64 -3.30 -2.54 -5.56
N ALA B 65 -2.95 -3.81 -5.49
CA ALA B 65 -2.43 -4.53 -6.65
C ALA B 65 -3.55 -4.74 -7.68
N ILE B 66 -4.75 -5.03 -7.22
CA ILE B 66 -5.87 -5.21 -8.13
C ILE B 66 -6.09 -3.92 -8.89
N LEU B 67 -6.16 -2.80 -8.19
CA LEU B 67 -6.47 -1.53 -8.86
C LEU B 67 -5.36 -1.12 -9.81
N ARG B 68 -4.11 -1.32 -9.41
CA ARG B 68 -3.01 -0.97 -10.27
C ARG B 68 -2.96 -1.84 -11.53
N HIS B 69 -3.32 -3.10 -11.39
CA HIS B 69 -3.44 -4.01 -12.52
C HIS B 69 -4.53 -3.55 -13.49
N LEU B 70 -5.71 -3.25 -12.97
CA LEU B 70 -6.79 -2.76 -13.81
C LEU B 70 -6.37 -1.49 -14.53
N ALA B 71 -5.67 -0.61 -13.83
CA ALA B 71 -5.23 0.66 -14.40
C ALA B 71 -4.33 0.42 -15.59
N ARG B 72 -3.40 -0.51 -15.48
CA ARG B 72 -2.52 -0.80 -16.62
C ARG B 72 -3.31 -1.38 -17.79
N LYS B 73 -4.15 -2.34 -17.49
CA LYS B 73 -4.88 -3.09 -18.49
C LYS B 73 -5.83 -2.20 -19.29
N TYR B 74 -6.39 -1.18 -18.66
CA TYR B 74 -7.36 -0.28 -19.27
C TYR B 74 -6.86 1.15 -19.50
N ASN B 75 -5.53 1.32 -19.42
CA ASN B 75 -4.89 2.59 -19.80
C ASN B 75 -5.38 3.78 -18.97
N LEU B 76 -5.53 3.53 -17.66
CA LEU B 76 -5.88 4.55 -16.67
C LEU B 76 -4.71 4.69 -15.65
N ASN B 77 -3.48 4.56 -16.18
CA ASN B 77 -2.27 4.55 -15.33
C ASN B 77 -1.35 5.69 -15.67
N GLY B 78 -1.85 6.78 -16.27
CA GLY B 78 -1.00 7.90 -16.66
C GLY B 78 -0.35 7.66 -18.01
N GLU B 79 0.24 8.71 -18.57
CA GLU B 79 0.79 8.67 -19.93
C GLU B 79 2.30 8.66 -19.97
N ASN B 80 2.95 8.85 -18.85
CA ASN B 80 4.42 8.86 -18.79
C ASN B 80 4.85 8.56 -17.36
N GLU B 81 6.15 8.38 -17.15
CA GLU B 81 6.65 7.94 -15.86
C GLU B 81 6.27 8.89 -14.74
N MET B 82 6.34 10.18 -14.98
CA MET B 82 6.02 11.17 -13.97
C MET B 82 4.57 11.02 -13.57
N GLU B 83 3.66 10.87 -14.55
CA GLU B 83 2.24 10.71 -14.27
C GLU B 83 1.93 9.44 -13.50
N THR B 84 2.54 8.34 -13.92
CA THR B 84 2.30 7.06 -13.31
C THR B 84 2.78 7.06 -11.87
N THR B 85 3.93 7.69 -11.64
CA THR B 85 4.46 7.80 -10.29
C THR B 85 3.55 8.69 -9.44
N TYR B 86 3.11 9.81 -10.01
CA TYR B 86 2.30 10.77 -9.29
C TYR B 86 0.98 10.17 -8.82
N ILE B 87 0.26 9.48 -9.70
CA ILE B 87 -1.01 8.91 -9.28
C ILE B 87 -0.81 7.78 -8.27
N ASP B 88 0.34 7.10 -8.32
CA ASP B 88 0.66 6.04 -7.35
C ASP B 88 0.86 6.69 -5.97
N MET B 89 1.68 7.71 -5.95
CA MET B 89 1.92 8.49 -4.74
C MET B 89 0.59 9.01 -4.14
N PHE B 90 -0.23 9.59 -5.00
CA PHE B 90 -1.51 10.15 -4.62
C PHE B 90 -2.42 9.08 -4.05
N CYS B 91 -2.59 7.99 -4.79
CA CYS B 91 -3.47 6.90 -4.34
C CYS B 91 -2.97 6.27 -3.05
N GLU B 92 -1.66 6.10 -2.90
CA GLU B 92 -1.12 5.61 -1.63
C GLU B 92 -1.41 6.57 -0.49
N GLY B 93 -1.44 7.86 -0.76
CA GLY B 93 -1.86 8.79 0.27
C GLY B 93 -3.32 8.61 0.65
N VAL B 94 -4.15 8.33 -0.34
CA VAL B 94 -5.57 8.06 -0.08
C VAL B 94 -5.70 6.84 0.85
N ARG B 95 -4.90 5.80 0.58
CA ARG B 95 -4.93 4.58 1.42
C ARG B 95 -4.50 4.92 2.85
N ASP B 96 -3.53 5.82 3.05
CA ASP B 96 -3.12 6.20 4.40
C ASP B 96 -4.30 6.87 5.13
N LEU B 97 -5.05 7.74 4.45
CA LEU B 97 -6.20 8.34 5.11
C LEU B 97 -7.23 7.27 5.46
N HIS B 98 -7.40 6.30 4.57
CA HIS B 98 -8.37 5.24 4.81
C HIS B 98 -7.99 4.41 6.04
N VAL B 99 -6.69 4.22 6.29
CA VAL B 99 -6.22 3.52 7.49
C VAL B 99 -6.65 4.27 8.74
N LYS B 100 -6.47 5.58 8.76
CA LYS B 100 -6.88 6.40 9.91
C LYS B 100 -8.38 6.31 10.09
N TYR B 101 -9.12 6.42 9.00
CA TYR B 101 -10.56 6.34 9.03
C TYR B 101 -11.02 5.02 9.61
N THR B 102 -10.43 3.94 9.14
CA THR B 102 -10.91 2.62 9.55
C THR B 102 -10.55 2.34 10.99
N ARG B 103 -9.41 2.86 11.47
CA ARG B 103 -9.05 2.66 12.88
C ARG B 103 -10.09 3.32 13.77
N MET B 104 -10.52 4.51 13.42
CA MET B 104 -11.55 5.19 14.19
C MET B 104 -12.88 4.44 14.10
N ILE B 105 -13.26 3.99 12.91
CA ILE B 105 -14.54 3.29 12.76
C ILE B 105 -14.59 2.00 13.56
N TYR B 106 -13.55 1.20 13.50
CA TYR B 106 -13.62 -0.16 14.02
C TYR B 106 -13.17 -0.25 15.48
N MET B 107 -12.29 0.63 15.91
CA MET B 107 -11.66 0.47 17.19
C MET B 107 -12.16 1.44 18.23
N ALA B 108 -12.72 2.58 17.80
CA ALA B 108 -12.99 3.67 18.72
C ALA B 108 -14.04 4.68 18.20
N TYR B 109 -15.14 4.19 17.62
CA TYR B 109 -16.08 5.12 17.00
C TYR B 109 -16.70 6.10 17.98
N GLU B 110 -17.16 5.59 19.12
CA GLU B 110 -17.93 6.42 20.02
C GLU B 110 -17.07 7.51 20.65
N THR B 111 -15.78 7.24 20.86
CA THR B 111 -14.87 8.19 21.50
C THR B 111 -13.96 8.98 20.57
N GLU B 112 -13.67 8.42 19.39
CA GLU B 112 -12.65 8.99 18.52
C GLU B 112 -13.22 9.66 17.27
N LYS B 113 -14.51 9.50 17.00
CA LYS B 113 -15.12 10.13 15.83
C LYS B 113 -14.94 11.66 15.89
N ASP B 114 -15.30 12.27 17.03
CA ASP B 114 -15.29 13.71 17.10
C ASP B 114 -13.90 14.30 17.06
N PRO B 115 -12.93 13.78 17.83
CA PRO B 115 -11.56 14.26 17.66
C PRO B 115 -10.99 14.01 16.25
N TYR B 116 -11.43 12.93 15.62
CA TYR B 116 -10.99 12.66 14.24
C TYR B 116 -11.49 13.76 13.31
N ILE B 117 -12.78 14.03 13.37
CA ILE B 117 -13.39 15.06 12.54
C ILE B 117 -12.76 16.45 12.78
N LYS B 118 -12.45 16.77 14.03
CA LYS B 118 -12.02 18.11 14.37
C LYS B 118 -10.53 18.32 14.26
N SER B 119 -9.76 17.29 14.56
CA SER B 119 -8.35 17.43 14.84
C SER B 119 -7.40 16.57 14.01
N ILE B 120 -7.96 15.62 13.26
CA ILE B 120 -7.12 14.80 12.36
C ILE B 120 -7.50 15.06 10.92
N LEU B 121 -8.77 14.92 10.63
CA LEU B 121 -9.24 14.93 9.24
C LEU B 121 -8.92 16.24 8.49
N PRO B 122 -9.14 17.42 9.08
CA PRO B 122 -8.90 18.65 8.32
C PRO B 122 -7.46 18.74 7.81
N GLY B 123 -6.47 18.40 8.65
CA GLY B 123 -5.07 18.48 8.22
C GLY B 123 -4.78 17.46 7.12
N GLU B 124 -5.44 16.31 7.16
CA GLU B 124 -5.25 15.32 6.12
C GLU B 124 -5.88 15.74 4.82
N LEU B 125 -7.08 16.29 4.88
CA LEU B 125 -7.69 16.85 3.67
C LEU B 125 -6.88 17.99 3.09
N ALA B 126 -6.28 18.82 3.93
CA ALA B 126 -5.52 19.94 3.46
C ALA B 126 -4.35 19.46 2.62
N LYS B 127 -3.78 18.30 2.94
CA LYS B 127 -2.68 17.79 2.16
C LYS B 127 -3.17 17.46 0.76
N PHE B 128 -4.34 16.84 0.65
CA PHE B 128 -4.90 16.51 -0.64
C PHE B 128 -5.31 17.76 -1.44
N GLU B 129 -5.88 18.74 -0.76
CA GLU B 129 -6.30 19.98 -1.41
C GLU B 129 -5.10 20.66 -2.06
N LYS B 130 -3.97 20.67 -1.35
CA LYS B 130 -2.75 21.25 -1.87
C LYS B 130 -2.20 20.44 -3.04
N LEU B 131 -2.19 19.12 -2.90
CA LEU B 131 -1.57 18.27 -3.90
C LEU B 131 -2.39 18.30 -5.17
N LEU B 132 -3.72 18.24 -5.01
CA LEU B 132 -4.60 18.19 -6.16
C LEU B 132 -4.34 19.36 -7.10
N ALA B 133 -4.05 20.52 -6.51
CA ALA B 133 -3.79 21.73 -7.27
C ALA B 133 -2.58 21.70 -8.17
N THR B 134 -1.69 20.71 -8.04
CA THR B 134 -0.48 20.69 -8.86
C THR B 134 -0.67 20.28 -10.31
N ARG B 135 -1.84 19.77 -10.67
CA ARG B 135 -2.09 19.44 -12.09
C ARG B 135 -3.45 19.99 -12.48
N GLY B 136 -3.50 20.75 -13.55
CA GLY B 136 -4.76 21.38 -13.95
C GLY B 136 -5.28 22.36 -12.93
N ASN B 137 -4.40 22.94 -12.12
CA ASN B 137 -4.79 23.75 -10.95
C ASN B 137 -5.75 23.01 -10.01
N GLY B 138 -5.80 21.69 -10.10
CA GLY B 138 -6.72 20.88 -9.32
C GLY B 138 -8.18 21.08 -9.65
N ARG B 139 -8.47 21.69 -10.79
CA ARG B 139 -9.84 22.03 -11.15
C ARG B 139 -10.54 21.02 -12.02
N ASN B 140 -9.92 19.86 -12.26
CA ASN B 140 -10.59 18.78 -13.00
C ASN B 140 -10.30 17.47 -12.27
N LEU B 141 -9.49 16.57 -12.83
CA LEU B 141 -9.18 15.29 -12.21
C LEU B 141 -7.74 15.29 -11.73
N ILE B 142 -7.29 14.20 -11.14
CA ILE B 142 -5.98 14.21 -10.50
C ILE B 142 -4.87 14.52 -11.51
N LEU B 143 -4.97 13.98 -12.73
CA LEU B 143 -3.97 14.23 -13.77
C LEU B 143 -4.34 15.40 -14.65
N GLY B 144 -5.43 16.09 -14.33
CA GLY B 144 -5.91 17.17 -15.15
C GLY B 144 -7.09 16.69 -15.97
N ASP B 145 -6.94 16.54 -17.28
CA ASP B 145 -8.09 16.17 -18.12
C ASP B 145 -8.38 14.68 -18.25
N LYS B 146 -7.37 13.84 -17.97
CA LYS B 146 -7.55 12.40 -18.17
C LYS B 146 -7.77 11.69 -16.84
N ILE B 147 -8.85 10.94 -16.75
CA ILE B 147 -9.14 10.13 -15.60
C ILE B 147 -8.07 9.05 -15.40
N SER B 148 -7.85 8.70 -14.15
CA SER B 148 -6.92 7.64 -13.76
C SER B 148 -7.49 6.86 -12.59
N TYR B 149 -6.86 5.76 -12.26
CA TYR B 149 -7.39 4.94 -11.19
C TYR B 149 -7.47 5.69 -9.87
N ALA B 150 -6.54 6.61 -9.64
CA ALA B 150 -6.50 7.32 -8.37
C ALA B 150 -7.73 8.17 -8.14
N ASP B 151 -8.37 8.62 -9.22
CA ASP B 151 -9.58 9.42 -9.06
C ASP B 151 -10.69 8.65 -8.36
N TYR B 152 -10.84 7.36 -8.67
CA TYR B 152 -11.87 6.55 -8.04
C TYR B 152 -11.59 6.35 -6.56
N ALA B 153 -10.33 6.14 -6.21
CA ALA B 153 -9.94 6.00 -4.80
C ALA B 153 -10.21 7.29 -4.05
N LEU B 154 -9.79 8.42 -4.59
CA LEU B 154 -10.01 9.70 -3.92
C LEU B 154 -11.49 9.96 -3.80
N PHE B 155 -12.27 9.71 -4.84
CA PHE B 155 -13.71 9.95 -4.79
C PHE B 155 -14.36 9.15 -3.67
N GLU B 156 -14.04 7.88 -3.57
CA GLU B 156 -14.64 7.05 -2.51
C GLU B 156 -14.23 7.57 -1.15
N GLU B 157 -12.96 7.93 -0.98
CA GLU B 157 -12.53 8.41 0.32
C GLU B 157 -13.22 9.69 0.71
N LEU B 158 -13.40 10.60 -0.23
CA LEU B 158 -14.10 11.83 0.06
C LEU B 158 -15.56 11.54 0.35
N ASP B 159 -16.14 10.61 -0.38
CA ASP B 159 -17.55 10.27 -0.17
C ASP B 159 -17.80 9.68 1.20
N VAL B 160 -16.97 8.74 1.65
CA VAL B 160 -17.20 8.15 2.95
C VAL B 160 -16.95 9.17 4.06
N HIS B 161 -16.02 10.09 3.85
CA HIS B 161 -15.77 11.13 4.82
C HIS B 161 -16.89 12.14 4.88
N GLN B 162 -17.58 12.40 3.77
CA GLN B 162 -18.79 13.21 3.81
C GLN B 162 -19.96 12.54 4.49
N ILE B 163 -20.07 11.23 4.39
CA ILE B 163 -21.07 10.50 5.19
C ILE B 163 -20.74 10.70 6.68
N LEU B 164 -19.47 10.61 7.04
CA LEU B 164 -19.06 10.77 8.41
C LEU B 164 -19.26 12.18 8.93
N ASP B 165 -18.85 13.16 8.13
CA ASP B 165 -18.93 14.56 8.49
C ASP B 165 -19.41 15.31 7.25
N PRO B 166 -20.71 15.58 7.15
CA PRO B 166 -21.26 16.24 5.96
C PRO B 166 -20.59 17.55 5.61
N HIS B 167 -19.96 18.20 6.58
CA HIS B 167 -19.32 19.48 6.33
C HIS B 167 -17.83 19.42 6.04
N CYS B 168 -17.27 18.21 5.96
CA CYS B 168 -15.82 18.12 5.97
C CYS B 168 -15.14 18.78 4.77
N LEU B 169 -15.83 18.88 3.64
CA LEU B 169 -15.29 19.50 2.45
C LEU B 169 -15.63 20.95 2.26
N ASP B 170 -16.38 21.53 3.19
CA ASP B 170 -16.83 22.91 3.07
C ASP B 170 -15.72 23.89 2.76
N LYS B 171 -14.57 23.72 3.38
CA LYS B 171 -13.47 24.67 3.26
C LYS B 171 -12.34 24.21 2.30
N PHE B 172 -12.63 23.18 1.50
CA PHE B 172 -11.66 22.61 0.57
C PHE B 172 -12.28 22.62 -0.82
N PRO B 173 -12.24 23.77 -1.50
CA PRO B 173 -13.02 23.93 -2.73
C PRO B 173 -12.62 22.98 -3.84
N LEU B 174 -11.33 22.67 -3.96
CA LEU B 174 -10.90 21.76 -4.98
C LEU B 174 -11.43 20.34 -4.74
N LEU B 175 -11.32 19.87 -3.51
CA LEU B 175 -11.79 18.53 -3.20
C LEU B 175 -13.32 18.46 -3.28
N LYS B 176 -13.98 19.51 -2.80
CA LYS B 176 -15.45 19.56 -2.86
C LYS B 176 -15.91 19.47 -4.31
N VAL B 177 -15.23 20.21 -5.19
CA VAL B 177 -15.64 20.26 -6.57
C VAL B 177 -15.31 18.96 -7.29
N PHE B 178 -14.18 18.35 -6.93
CA PHE B 178 -13.79 17.07 -7.48
C PHE B 178 -14.85 16.01 -7.14
N HIS B 179 -15.32 16.05 -5.91
CA HIS B 179 -16.31 15.09 -5.47
C HIS B 179 -17.62 15.32 -6.25
N GLN B 180 -17.98 16.57 -6.44
CA GLN B 180 -19.17 16.95 -7.26
C GLN B 180 -19.03 16.44 -8.68
N ARG B 181 -17.88 16.67 -9.27
CA ARG B 181 -17.61 16.29 -10.64
C ARG B 181 -17.70 14.77 -10.82
N MET B 182 -17.09 14.02 -9.93
CA MET B 182 -17.10 12.58 -10.01
C MET B 182 -18.50 12.00 -9.79
N LYS B 183 -19.22 12.53 -8.82
CA LYS B 183 -20.55 12.02 -8.55
C LYS B 183 -21.49 12.24 -9.72
N ASP B 184 -21.23 13.25 -10.54
CA ASP B 184 -22.06 13.54 -11.69
C ASP B 184 -21.72 12.74 -12.94
N ARG B 185 -20.65 11.97 -12.93
CA ARG B 185 -20.36 11.11 -14.06
C ARG B 185 -21.51 10.12 -14.16
N PRO B 186 -22.20 10.03 -15.29
CA PRO B 186 -23.44 9.24 -15.30
C PRO B 186 -23.36 7.80 -14.84
N LYS B 187 -22.29 7.09 -15.18
CA LYS B 187 -22.20 5.71 -14.77
C LYS B 187 -22.05 5.62 -13.27
N LEU B 188 -21.31 6.56 -12.68
CA LEU B 188 -21.17 6.59 -11.23
C LEU B 188 -22.44 7.04 -10.53
N LYS B 189 -23.19 7.98 -11.10
CA LYS B 189 -24.44 8.43 -10.49
C LYS B 189 -25.44 7.28 -10.47
N GLU B 190 -25.58 6.59 -11.59
CA GLU B 190 -26.48 5.45 -11.68
C GLU B 190 -26.09 4.38 -10.65
N TYR B 191 -24.81 4.10 -10.56
CA TYR B 191 -24.33 3.06 -9.65
C TYR B 191 -24.53 3.47 -8.20
N CYS B 192 -24.27 4.73 -7.89
CA CYS B 192 -24.53 5.27 -6.56
C CYS B 192 -25.99 5.05 -6.18
N GLU B 193 -26.89 5.26 -7.13
CA GLU B 193 -28.32 5.08 -6.85
C GLU B 193 -28.65 3.62 -6.61
N LYS B 194 -28.08 2.70 -7.40
CA LYS B 194 -28.26 1.28 -7.16
C LYS B 194 -27.73 0.88 -5.78
N ARG B 195 -26.59 1.47 -5.41
CA ARG B 195 -25.92 1.13 -4.16
C ARG B 195 -26.74 1.64 -2.98
N ASP B 196 -27.34 2.82 -3.15
CA ASP B 196 -28.22 3.35 -2.11
C ASP B 196 -29.48 2.50 -1.98
N ALA B 197 -30.02 2.06 -3.11
CA ALA B 197 -31.20 1.21 -3.07
C ALA B 197 -30.91 -0.10 -2.32
N ALA B 198 -29.69 -0.61 -2.45
CA ALA B 198 -29.27 -1.86 -1.83
C ALA B 198 -28.82 -1.70 -0.40
N LYS B 199 -28.81 -0.46 0.10
CA LYS B 199 -28.55 -0.17 1.50
C LYS B 199 -27.19 -0.67 1.88
N VAL B 200 -26.22 -0.50 0.99
CA VAL B 200 -24.89 -1.04 1.23
C VAL B 200 -24.18 -0.26 2.34
N PRO B 201 -23.71 -0.94 3.38
CA PRO B 201 -22.97 -0.26 4.43
C PRO B 201 -21.57 0.11 3.99
N VAL B 202 -21.05 1.21 4.53
CA VAL B 202 -19.67 1.58 4.24
C VAL B 202 -18.70 0.57 4.82
N ASN B 203 -18.94 0.16 6.06
CA ASN B 203 -18.03 -0.66 6.82
C ASN B 203 -18.73 -1.90 7.38
N GLY B 204 -17.94 -2.80 7.94
CA GLY B 204 -18.39 -4.13 8.35
C GLY B 204 -19.07 -4.17 9.71
N ASN B 205 -18.98 -3.08 10.46
CA ASN B 205 -19.61 -2.98 11.77
C ASN B 205 -20.83 -2.04 11.76
N GLY B 206 -21.26 -1.60 10.57
CA GLY B 206 -22.43 -0.76 10.42
C GLY B 206 -22.31 0.68 10.84
N LYS B 207 -21.13 1.09 11.30
CA LYS B 207 -20.89 2.46 11.70
C LYS B 207 -20.29 3.22 10.53
N GLN B 208 -20.62 4.50 10.45
CA GLN B 208 -20.17 5.36 9.33
C GLN B 208 -20.45 6.85 9.56
N1 GSH C . 2.27 5.13 3.54
CA1 GSH C . 3.46 5.77 3.93
C1 GSH C . 4.64 5.33 3.17
O11 GSH C . 4.63 4.00 2.89
O12 GSH C . 5.69 5.96 2.80
CB1 GSH C . 3.78 6.00 5.34
CG1 GSH C . 4.80 7.06 5.68
CD1 GSH C . 4.97 7.19 7.19
OE1 GSH C . 4.09 6.56 8.00
N2 GSH C . 5.98 7.88 7.63
CA2 GSH C . 6.30 8.03 9.05
C2 GSH C . 6.66 9.44 9.31
O2 GSH C . 7.19 10.22 8.31
CB2 GSH C . 7.52 7.18 9.42
SG2 GSH C . 7.10 5.42 9.49
N3 GSH C . 6.44 9.95 10.51
CA3 GSH C . 6.82 11.32 10.74
C3 GSH C . 5.62 12.15 11.09
O31 GSH C . 4.40 11.90 10.69
O32 GSH C . 5.88 13.26 11.91
C1 GOL D . 21.36 -5.50 14.33
O1 GOL D . 20.64 -6.10 15.36
C2 GOL D . 20.44 -4.45 13.74
O2 GOL D . 20.16 -3.46 14.71
C3 GOL D . 21.16 -3.85 12.52
O3 GOL D . 20.24 -3.08 11.76
N1 GSH E . -3.83 -5.09 2.31
CA1 GSH E . -5.08 -5.71 2.13
C1 GSH E . -5.75 -5.30 0.91
O11 GSH E . -6.48 -5.98 0.13
O12 GSH E . -5.65 -4.00 0.68
CB1 GSH E . -5.98 -5.92 3.31
CG1 GSH E . -7.11 -6.94 3.11
CD1 GSH E . -7.98 -7.05 4.35
OE1 GSH E . -7.60 -6.42 5.50
N2 GSH E . -9.06 -7.78 4.25
CA2 GSH E . -10.05 -7.89 5.33
C2 GSH E . -10.36 -9.33 5.49
O2 GSH E . -10.37 -10.12 4.37
CB2 GSH E . -11.34 -7.20 4.94
SG2 GSH E . -11.15 -5.41 4.82
N3 GSH E . -10.67 -9.81 6.66
CA3 GSH E . -11.20 -11.17 6.79
C3 GSH E . -10.25 -12.04 7.55
O31 GSH E . -10.67 -13.32 7.99
O32 GSH E . -9.01 -11.68 7.83
#